data_1RYL
#
_entry.id   1RYL
#
_cell.length_a   103.848
_cell.length_b   60.455
_cell.length_c   57.931
_cell.angle_alpha   90.00
_cell.angle_beta   114.62
_cell.angle_gamma   90.00
#
_symmetry.space_group_name_H-M   'C 1 2 1'
#
loop_
_entity.id
_entity.type
_entity.pdbx_description
1 polymer 'Hypothetical protein yfbM'
2 water water
#
_entity_poly.entity_id   1
_entity_poly.type   'polypeptide(L)'
_entity_poly.pdbx_seq_one_letter_code
;MGMIGYFAEIDSEKINQLLESTEKPLMDNIHDTLSGLRRLDIDKRWDFLHFGLTGTSAFDPAKNDPLSRAVLGEHSLEDG
IDGFLGLTWNQELAATIDRLESLDRNELRKQFSIKRLNEMEIYPGVTFSEELEGQLFASIMLDMEKLISAYRRMLRQGNH
ALTVIVG
;
_entity_poly.pdbx_strand_id   A,B
#
# COMPACT_ATOMS: atom_id res chain seq x y z
N MET A 3 10.83 -4.63 11.86
CA MET A 3 11.13 -5.22 10.51
C MET A 3 9.87 -5.50 9.72
N ILE A 4 9.50 -4.56 8.85
CA ILE A 4 8.31 -4.73 8.02
C ILE A 4 8.77 -5.24 6.65
N GLY A 5 7.89 -5.93 5.94
CA GLY A 5 8.27 -6.44 4.64
C GLY A 5 7.33 -5.99 3.54
N TYR A 6 7.91 -5.67 2.39
CA TYR A 6 7.08 -5.27 1.27
C TYR A 6 7.73 -5.72 -0.04
N PHE A 7 6.90 -5.85 -1.06
CA PHE A 7 7.33 -6.29 -2.38
C PHE A 7 7.10 -5.16 -3.37
N ALA A 8 8.19 -4.52 -3.78
CA ALA A 8 8.11 -3.37 -4.67
C ALA A 8 8.28 -3.67 -6.16
N GLU A 9 7.68 -2.79 -6.96
CA GLU A 9 7.75 -2.89 -8.42
C GLU A 9 8.73 -1.85 -8.95
N ILE A 10 9.75 -2.30 -9.67
CA ILE A 10 10.75 -1.40 -10.20
C ILE A 10 11.00 -1.64 -11.69
N ASP A 11 11.17 -0.57 -12.47
CA ASP A 11 11.41 -0.74 -13.90
C ASP A 11 12.89 -0.89 -14.20
N SER A 12 13.19 -1.18 -15.46
CA SER A 12 14.57 -1.37 -15.88
C SER A 12 15.53 -0.22 -15.60
N GLU A 13 15.15 1.00 -15.96
CA GLU A 13 16.05 2.12 -15.73
C GLU A 13 16.40 2.28 -14.24
N LYS A 14 15.42 2.16 -13.36
CA LYS A 14 15.66 2.31 -11.92
C LYS A 14 16.45 1.20 -11.26
N ILE A 15 16.22 -0.05 -11.65
CA ILE A 15 16.97 -1.13 -11.03
C ILE A 15 18.43 -1.07 -11.48
N ASN A 16 18.67 -0.72 -12.74
CA ASN A 16 20.04 -0.62 -13.24
C ASN A 16 20.74 0.51 -12.53
N GLN A 17 19.99 1.56 -12.25
CA GLN A 17 20.52 2.73 -11.55
C GLN A 17 20.85 2.31 -10.13
N LEU A 18 19.98 1.51 -9.53
CA LEU A 18 20.19 1.02 -8.18
C LEU A 18 21.43 0.11 -8.13
N LEU A 19 21.50 -0.85 -9.05
CA LEU A 19 22.62 -1.79 -9.11
C LEU A 19 23.95 -1.14 -9.52
N GLU A 20 23.88 -0.02 -10.25
CA GLU A 20 25.09 0.68 -10.66
C GLU A 20 25.72 1.46 -9.50
N SER A 21 24.93 1.75 -8.47
CA SER A 21 25.42 2.49 -7.31
C SER A 21 26.24 1.59 -6.40
N MET A 27 22.39 -1.58 1.65
CA MET A 27 21.03 -1.13 1.42
C MET A 27 20.65 -0.11 2.49
N ASP A 28 21.61 0.71 2.90
CA ASP A 28 21.35 1.73 3.92
C ASP A 28 20.50 2.84 3.28
N ASN A 29 19.32 3.08 3.85
CA ASN A 29 18.41 4.10 3.35
C ASN A 29 17.76 3.65 2.03
N ILE A 30 17.51 2.35 1.96
CA ILE A 30 16.87 1.75 0.81
C ILE A 30 15.48 2.38 0.69
N HIS A 31 14.98 2.86 1.83
CA HIS A 31 13.67 3.50 1.93
C HIS A 31 13.76 4.95 1.47
N ASP A 32 14.12 5.14 0.21
CA ASP A 32 14.23 6.47 -0.33
C ASP A 32 14.50 6.26 -1.81
N THR A 33 15.32 5.25 -2.09
CA THR A 33 15.64 4.87 -3.45
C THR A 33 14.40 4.17 -3.99
N LEU A 34 13.66 3.55 -3.07
CA LEU A 34 12.44 2.81 -3.38
C LEU A 34 11.21 3.59 -2.95
N SER A 35 11.43 4.66 -2.20
CA SER A 35 10.35 5.50 -1.70
C SER A 35 9.26 5.84 -2.74
N GLY A 36 9.64 5.93 -4.01
CA GLY A 36 8.67 6.28 -5.02
C GLY A 36 8.06 5.10 -5.77
N LEU A 37 8.38 3.89 -5.35
CA LEU A 37 7.89 2.69 -6.03
C LEU A 37 6.62 2.11 -5.41
N ARG A 38 5.76 1.54 -6.26
CA ARG A 38 4.54 0.91 -5.77
C ARG A 38 4.95 -0.39 -5.06
N ARG A 39 4.27 -0.73 -3.98
CA ARG A 39 4.60 -1.96 -3.26
C ARG A 39 3.41 -2.61 -2.58
N LEU A 40 3.55 -3.92 -2.33
CA LEU A 40 2.55 -4.67 -1.59
C LEU A 40 3.22 -4.71 -0.23
N ASP A 41 2.56 -4.14 0.77
CA ASP A 41 3.13 -4.09 2.10
C ASP A 41 2.41 -5.10 2.98
N ILE A 42 3.15 -6.05 3.56
CA ILE A 42 2.49 -7.00 4.44
C ILE A 42 2.98 -6.90 5.88
N ASP A 43 3.38 -5.68 6.27
CA ASP A 43 3.82 -5.40 7.63
C ASP A 43 4.83 -6.43 8.15
N LYS A 44 4.57 -7.00 9.33
CA LYS A 44 5.50 -7.96 9.90
C LYS A 44 5.02 -9.40 9.70
N ARG A 45 4.27 -9.62 8.64
CA ARG A 45 3.74 -10.96 8.36
C ARG A 45 4.57 -11.71 7.32
N TRP A 46 5.71 -11.13 6.94
CA TRP A 46 6.54 -11.74 5.93
C TRP A 46 7.13 -13.11 6.30
N ASP A 47 7.45 -13.34 7.56
CA ASP A 47 7.99 -14.64 7.93
C ASP A 47 6.87 -15.68 8.04
N PHE A 48 5.65 -15.24 8.35
CA PHE A 48 4.52 -16.16 8.44
C PHE A 48 4.30 -16.68 7.02
N LEU A 49 4.45 -15.78 6.05
CA LEU A 49 4.29 -16.14 4.65
C LEU A 49 5.39 -17.10 4.23
N HIS A 50 6.62 -16.79 4.60
CA HIS A 50 7.76 -17.65 4.26
C HIS A 50 7.53 -19.03 4.85
N PHE A 51 7.15 -19.07 6.12
CA PHE A 51 6.91 -20.33 6.82
C PHE A 51 5.75 -21.12 6.21
N GLY A 52 4.65 -20.43 5.90
CA GLY A 52 3.50 -21.09 5.32
C GLY A 52 3.77 -21.77 3.98
N LEU A 53 4.73 -21.25 3.23
CA LEU A 53 5.06 -21.82 1.93
C LEU A 53 6.23 -22.80 1.94
N THR A 54 7.12 -22.66 2.92
CA THR A 54 8.32 -23.51 2.98
C THR A 54 8.49 -24.39 4.23
N GLY A 55 7.83 -24.04 5.32
CA GLY A 55 7.96 -24.81 6.54
C GLY A 55 9.18 -24.37 7.34
N THR A 56 9.83 -23.30 6.88
CA THR A 56 11.01 -22.78 7.56
C THR A 56 10.90 -21.25 7.71
N SER A 57 11.82 -20.68 8.47
CA SER A 57 11.87 -19.23 8.65
C SER A 57 12.78 -18.67 7.55
N ALA A 58 12.53 -17.42 7.15
CA ALA A 58 13.36 -16.79 6.13
C ALA A 58 14.77 -16.65 6.71
N PHE A 59 14.88 -16.68 8.02
CA PHE A 59 16.16 -16.56 8.71
C PHE A 59 16.96 -17.87 8.65
N ASP A 60 16.34 -18.94 8.17
CA ASP A 60 17.02 -20.23 8.10
C ASP A 60 16.33 -21.14 7.08
N PRO A 61 16.30 -20.72 5.81
CA PRO A 61 15.67 -21.48 4.73
C PRO A 61 16.47 -22.71 4.31
N ALA A 62 15.78 -23.66 3.68
CA ALA A 62 16.42 -24.87 3.20
C ALA A 62 17.25 -24.45 1.98
N LYS A 63 18.33 -25.16 1.71
CA LYS A 63 19.14 -24.81 0.55
C LYS A 63 18.38 -25.05 -0.75
N ASN A 64 18.61 -24.18 -1.73
CA ASN A 64 17.94 -24.28 -3.03
C ASN A 64 16.44 -24.57 -2.90
N ASP A 65 15.72 -23.64 -2.28
CA ASP A 65 14.28 -23.77 -2.09
C ASP A 65 13.59 -22.72 -2.97
N PRO A 66 13.06 -23.14 -4.13
CA PRO A 66 12.39 -22.21 -5.04
C PRO A 66 11.23 -21.46 -4.39
N LEU A 67 10.59 -22.06 -3.40
CA LEU A 67 9.48 -21.40 -2.73
C LEU A 67 10.03 -20.29 -1.82
N SER A 68 11.23 -20.48 -1.28
CA SER A 68 11.84 -19.45 -0.44
C SER A 68 12.16 -18.27 -1.34
N ARG A 69 12.67 -18.58 -2.53
CA ARG A 69 13.03 -17.55 -3.51
C ARG A 69 11.78 -16.87 -4.03
N ALA A 70 10.64 -17.57 -3.99
CA ALA A 70 9.38 -17.00 -4.45
C ALA A 70 9.01 -15.81 -3.57
N VAL A 71 9.42 -15.86 -2.31
CA VAL A 71 9.14 -14.79 -1.35
C VAL A 71 10.32 -13.83 -1.19
N LEU A 72 11.52 -14.36 -0.99
CA LEU A 72 12.69 -13.51 -0.79
C LEU A 72 13.31 -12.95 -2.06
N GLY A 73 12.96 -13.55 -3.20
CA GLY A 73 13.52 -13.10 -4.47
C GLY A 73 14.52 -14.09 -5.06
N GLU A 74 14.63 -14.08 -6.40
CA GLU A 74 15.56 -14.98 -7.08
C GLU A 74 17.00 -14.63 -6.75
N HIS A 75 17.25 -13.35 -6.46
CA HIS A 75 18.58 -12.92 -6.12
C HIS A 75 18.62 -12.15 -4.80
N SER A 76 19.47 -12.64 -3.90
CA SER A 76 19.65 -12.02 -2.60
C SER A 76 20.69 -10.93 -2.77
N LEU A 77 20.24 -9.68 -2.94
CA LEU A 77 21.18 -8.57 -3.11
C LEU A 77 21.80 -8.25 -1.76
N GLU A 78 21.01 -8.43 -0.70
CA GLU A 78 21.47 -8.13 0.64
C GLU A 78 20.77 -8.99 1.68
N ASP A 79 21.42 -9.12 2.84
CA ASP A 79 20.88 -9.92 3.92
C ASP A 79 21.73 -9.71 5.17
N ASP A 82 21.23 -7.07 8.20
CA ASP A 82 20.36 -5.93 8.50
C ASP A 82 19.17 -5.76 7.55
N GLY A 83 18.42 -6.84 7.35
CA GLY A 83 17.27 -6.76 6.47
C GLY A 83 17.56 -7.28 5.08
N PHE A 84 16.61 -8.04 4.54
CA PHE A 84 16.72 -8.63 3.22
C PHE A 84 16.39 -7.68 2.08
N LEU A 85 17.06 -7.88 0.96
CA LEU A 85 16.83 -7.13 -0.26
C LEU A 85 17.01 -8.21 -1.30
N GLY A 86 15.94 -8.51 -2.03
CA GLY A 86 15.99 -9.55 -3.04
C GLY A 86 15.44 -9.05 -4.36
N LEU A 87 15.91 -9.64 -5.45
CA LEU A 87 15.47 -9.22 -6.77
C LEU A 87 15.04 -10.38 -7.66
N THR A 88 13.98 -10.14 -8.43
CA THR A 88 13.47 -11.13 -9.36
C THR A 88 13.19 -10.37 -10.66
N TRP A 89 13.98 -10.70 -11.69
CA TRP A 89 13.85 -10.05 -12.99
C TRP A 89 12.54 -10.38 -13.69
N ASN A 90 12.12 -9.50 -14.59
CA ASN A 90 10.89 -9.72 -15.34
C ASN A 90 10.97 -11.07 -16.03
N GLN A 91 12.18 -11.39 -16.52
CA GLN A 91 12.44 -12.66 -17.22
C GLN A 91 12.32 -13.88 -16.32
N GLU A 92 12.24 -13.66 -15.00
CA GLU A 92 12.13 -14.76 -14.04
C GLU A 92 10.75 -14.84 -13.38
N LEU A 93 9.96 -13.78 -13.47
CA LEU A 93 8.65 -13.76 -12.81
C LEU A 93 7.63 -14.82 -13.23
N ALA A 94 7.55 -15.12 -14.53
CA ALA A 94 6.59 -16.11 -15.01
C ALA A 94 6.75 -17.44 -14.28
N ALA A 95 8.00 -17.85 -14.10
CA ALA A 95 8.32 -19.09 -13.41
C ALA A 95 7.92 -19.01 -11.94
N THR A 96 8.19 -17.88 -11.30
CA THR A 96 7.85 -17.68 -9.90
C THR A 96 6.34 -17.73 -9.74
N ILE A 97 5.64 -17.07 -10.64
CA ILE A 97 4.18 -17.03 -10.60
C ILE A 97 3.61 -18.42 -10.80
N ASP A 98 4.16 -19.15 -11.76
CA ASP A 98 3.67 -20.49 -12.03
C ASP A 98 3.94 -21.42 -10.86
N ARG A 99 5.06 -21.21 -10.17
CA ARG A 99 5.41 -22.04 -9.03
C ARG A 99 4.38 -21.87 -7.91
N LEU A 100 4.04 -20.62 -7.63
CA LEU A 100 3.09 -20.30 -6.57
C LEU A 100 1.66 -20.71 -6.93
N GLU A 101 1.27 -20.50 -8.18
CA GLU A 101 -0.08 -20.87 -8.59
C GLU A 101 -0.25 -22.39 -8.65
N SER A 102 0.85 -23.11 -8.82
CA SER A 102 0.79 -24.58 -8.90
C SER A 102 0.62 -25.26 -7.55
N LEU A 103 0.93 -24.56 -6.47
CA LEU A 103 0.82 -25.12 -5.13
C LEU A 103 -0.57 -25.67 -4.80
N ASP A 104 -0.60 -26.80 -4.12
CA ASP A 104 -1.86 -27.42 -3.71
C ASP A 104 -2.16 -26.79 -2.36
N ARG A 105 -3.28 -26.08 -2.27
CA ARG A 105 -3.64 -25.44 -1.01
C ARG A 105 -3.86 -26.47 0.10
N ASN A 106 -4.58 -27.55 -0.19
CA ASN A 106 -4.83 -28.59 0.81
C ASN A 106 -3.49 -29.12 1.29
N GLU A 107 -2.55 -29.26 0.37
CA GLU A 107 -1.22 -29.75 0.70
C GLU A 107 -0.53 -28.78 1.67
N LEU A 108 -0.55 -27.49 1.34
CA LEU A 108 0.07 -26.48 2.19
C LEU A 108 -0.58 -26.48 3.58
N ARG A 109 -1.90 -26.60 3.62
CA ARG A 109 -2.61 -26.63 4.88
C ARG A 109 -2.18 -27.85 5.71
N LYS A 110 -2.08 -28.99 5.05
CA LYS A 110 -1.70 -30.21 5.74
C LYS A 110 -0.33 -30.07 6.40
N GLN A 111 0.58 -29.38 5.71
CA GLN A 111 1.95 -29.16 6.20
C GLN A 111 2.05 -28.07 7.26
N PHE A 112 1.11 -27.15 7.26
CA PHE A 112 1.12 -26.06 8.23
C PHE A 112 0.79 -26.51 9.65
N SER A 113 1.66 -26.16 10.59
CA SER A 113 1.46 -26.50 12.00
C SER A 113 1.78 -25.31 12.87
N ILE A 114 0.79 -24.88 13.64
CA ILE A 114 0.95 -23.75 14.56
C ILE A 114 1.95 -24.14 15.66
N LYS A 115 2.03 -25.44 15.95
CA LYS A 115 2.97 -25.94 16.95
C LYS A 115 4.41 -25.78 16.45
N ARG A 116 4.64 -26.11 15.19
CA ARG A 116 5.96 -25.97 14.59
C ARG A 116 6.31 -24.49 14.48
N LEU A 117 5.32 -23.67 14.14
CA LEU A 117 5.55 -22.24 14.04
C LEU A 117 5.96 -21.66 15.40
N ASN A 118 5.27 -22.05 16.46
CA ASN A 118 5.58 -21.55 17.80
C ASN A 118 6.95 -22.01 18.27
N GLU A 119 7.25 -23.27 17.99
CA GLU A 119 8.53 -23.85 18.40
C GLU A 119 9.72 -23.28 17.64
N MET A 120 9.56 -23.08 16.33
CA MET A 120 10.65 -22.55 15.50
C MET A 120 10.80 -21.04 15.67
N GLU A 121 9.93 -20.45 16.48
CA GLU A 121 9.96 -19.02 16.73
C GLU A 121 10.10 -18.18 15.45
N ILE A 122 9.10 -18.31 14.59
CA ILE A 122 9.02 -17.58 13.32
C ILE A 122 8.83 -16.11 13.66
N TYR A 123 9.50 -15.22 12.92
CA TYR A 123 9.37 -13.78 13.18
C TYR A 123 7.89 -13.39 13.12
N PRO A 124 7.43 -12.49 14.01
CA PRO A 124 8.11 -11.75 15.08
C PRO A 124 8.43 -12.54 16.35
N GLY A 125 8.27 -13.86 16.31
CA GLY A 125 8.62 -14.68 17.46
C GLY A 125 7.60 -14.79 18.59
N VAL A 126 6.36 -14.39 18.35
CA VAL A 126 5.32 -14.48 19.37
C VAL A 126 4.56 -15.80 19.21
N THR A 127 4.05 -16.34 20.32
CA THR A 127 3.32 -17.59 20.29
C THR A 127 1.84 -17.37 19.98
N PHE A 128 1.23 -18.35 19.34
CA PHE A 128 -0.17 -18.29 18.99
C PHE A 128 -0.90 -19.45 19.64
N SER A 129 -2.14 -19.21 20.04
CA SER A 129 -2.95 -20.28 20.63
C SER A 129 -3.00 -21.29 19.49
N GLU A 130 -3.02 -22.56 19.82
CA GLU A 130 -3.07 -23.57 18.79
C GLU A 130 -4.45 -23.60 18.11
N GLU A 131 -5.40 -22.89 18.70
CA GLU A 131 -6.75 -22.79 18.17
C GLU A 131 -6.80 -21.85 16.96
N LEU A 132 -5.75 -21.06 16.79
CA LEU A 132 -5.68 -20.11 15.69
C LEU A 132 -4.98 -20.67 14.45
N GLU A 133 -4.66 -21.95 14.46
CA GLU A 133 -3.97 -22.53 13.30
C GLU A 133 -4.67 -22.23 11.98
N GLY A 134 -5.94 -22.62 11.87
CA GLY A 134 -6.69 -22.39 10.66
C GLY A 134 -6.72 -20.94 10.22
N GLN A 135 -6.99 -20.05 11.17
CA GLN A 135 -7.05 -18.63 10.89
C GLN A 135 -5.71 -18.10 10.40
N LEU A 136 -4.63 -18.46 11.10
CA LEU A 136 -3.31 -18.00 10.70
C LEU A 136 -3.01 -18.47 9.29
N PHE A 137 -3.28 -19.75 9.01
CA PHE A 137 -3.03 -20.28 7.68
C PHE A 137 -3.81 -19.48 6.63
N ALA A 138 -5.10 -19.27 6.90
CA ALA A 138 -5.94 -18.55 5.97
C ALA A 138 -5.39 -17.15 5.72
N SER A 139 -4.88 -16.52 6.78
CA SER A 139 -4.30 -15.18 6.68
C SER A 139 -3.06 -15.20 5.76
N ILE A 140 -2.27 -16.25 5.87
CA ILE A 140 -1.07 -16.42 5.07
C ILE A 140 -1.44 -16.61 3.59
N MET A 141 -2.47 -17.41 3.32
CA MET A 141 -2.92 -17.65 1.95
C MET A 141 -3.41 -16.36 1.31
N LEU A 142 -3.99 -15.47 2.13
CA LEU A 142 -4.46 -14.18 1.62
C LEU A 142 -3.24 -13.36 1.18
N ASP A 143 -2.18 -13.35 2.00
CA ASP A 143 -0.97 -12.62 1.63
C ASP A 143 -0.33 -13.22 0.38
N MET A 144 -0.35 -14.55 0.27
CA MET A 144 0.20 -15.22 -0.90
C MET A 144 -0.59 -14.80 -2.14
N GLU A 145 -1.92 -14.73 -2.04
CA GLU A 145 -2.73 -14.32 -3.16
C GLU A 145 -2.44 -12.86 -3.56
N LYS A 146 -2.17 -12.03 -2.57
CA LYS A 146 -1.84 -10.63 -2.85
C LYS A 146 -0.49 -10.55 -3.57
N LEU A 147 0.45 -11.40 -3.16
CA LEU A 147 1.77 -11.43 -3.76
C LEU A 147 1.66 -11.92 -5.21
N ILE A 148 0.90 -12.98 -5.42
CA ILE A 148 0.70 -13.50 -6.77
C ILE A 148 0.16 -12.40 -7.69
N SER A 149 -0.85 -11.67 -7.21
CA SER A 149 -1.42 -10.60 -8.01
C SER A 149 -0.40 -9.51 -8.31
N ALA A 150 0.46 -9.22 -7.34
CA ALA A 150 1.48 -8.20 -7.54
C ALA A 150 2.47 -8.64 -8.61
N TYR A 151 2.94 -9.88 -8.50
CA TYR A 151 3.90 -10.40 -9.47
C TYR A 151 3.30 -10.42 -10.88
N ARG A 152 2.04 -10.82 -11.00
CA ARG A 152 1.39 -10.88 -12.31
C ARG A 152 1.31 -9.49 -12.94
N ARG A 153 1.04 -8.48 -12.12
CA ARG A 153 0.99 -7.11 -12.60
C ARG A 153 2.39 -6.71 -13.10
N MET A 154 3.39 -6.91 -12.25
CA MET A 154 4.77 -6.57 -12.61
C MET A 154 5.23 -7.24 -13.90
N LEU A 155 4.93 -8.53 -14.03
CA LEU A 155 5.31 -9.29 -15.22
C LEU A 155 4.68 -8.69 -16.48
N ARG A 156 3.37 -8.47 -16.41
CA ARG A 156 2.63 -7.92 -17.52
C ARG A 156 3.04 -6.51 -17.91
N GLN A 157 3.53 -5.73 -16.94
CA GLN A 157 3.96 -4.37 -17.22
C GLN A 157 5.44 -4.28 -17.63
N GLY A 158 6.13 -5.41 -17.65
CA GLY A 158 7.53 -5.43 -18.04
C GLY A 158 8.50 -5.02 -16.94
N ASN A 159 8.02 -5.00 -15.70
CA ASN A 159 8.86 -4.59 -14.59
C ASN A 159 9.45 -5.75 -13.79
N HIS A 160 10.24 -5.39 -12.78
CA HIS A 160 10.94 -6.37 -11.94
C HIS A 160 10.50 -6.25 -10.49
N ALA A 161 10.76 -7.31 -9.72
CA ALA A 161 10.35 -7.32 -8.32
C ALA A 161 11.48 -7.19 -7.33
N LEU A 162 11.23 -6.41 -6.28
CA LEU A 162 12.20 -6.23 -5.20
C LEU A 162 11.53 -6.57 -3.86
N THR A 163 12.08 -7.55 -3.15
CA THR A 163 11.55 -7.90 -1.85
C THR A 163 12.38 -7.08 -0.87
N VAL A 164 11.72 -6.29 -0.03
CA VAL A 164 12.42 -5.47 0.94
C VAL A 164 11.93 -5.80 2.35
N ILE A 165 12.86 -6.28 3.19
CA ILE A 165 12.53 -6.61 4.56
C ILE A 165 13.55 -5.91 5.45
N VAL A 166 13.12 -4.85 6.12
CA VAL A 166 14.02 -4.10 6.99
C VAL A 166 13.28 -3.10 7.89
N MET B 3 -16.84 2.55 -6.13
CA MET B 3 -15.82 3.62 -6.32
C MET B 3 -14.81 3.69 -5.16
N ILE B 4 -13.59 3.26 -5.42
CA ILE B 4 -12.55 3.30 -4.41
C ILE B 4 -11.66 4.51 -4.71
N GLY B 5 -10.98 5.03 -3.69
CA GLY B 5 -10.13 6.17 -3.93
C GLY B 5 -8.71 5.98 -3.47
N TYR B 6 -7.78 6.49 -4.25
CA TYR B 6 -6.39 6.39 -3.85
C TYR B 6 -5.62 7.64 -4.28
N PHE B 7 -4.58 7.95 -3.52
CA PHE B 7 -3.76 9.12 -3.77
C PHE B 7 -2.40 8.63 -4.24
N ALA B 8 -2.18 8.74 -5.55
CA ALA B 8 -0.95 8.26 -6.15
C ALA B 8 0.13 9.32 -6.33
N GLU B 9 1.38 8.85 -6.35
CA GLU B 9 2.55 9.69 -6.52
C GLU B 9 3.02 9.49 -7.97
N ILE B 10 3.06 10.56 -8.75
CA ILE B 10 3.47 10.46 -10.15
C ILE B 10 4.62 11.43 -10.46
N ASP B 11 5.60 10.99 -11.25
CA ASP B 11 6.71 11.87 -11.57
C ASP B 11 6.44 12.73 -12.80
N SER B 12 7.29 13.72 -13.02
CA SER B 12 7.13 14.64 -14.14
C SER B 12 7.05 13.98 -15.50
N GLU B 13 7.93 13.01 -15.74
CA GLU B 13 7.93 12.33 -17.04
C GLU B 13 6.57 11.71 -17.34
N LYS B 14 6.03 10.97 -16.37
CA LYS B 14 4.75 10.30 -16.56
C LYS B 14 3.54 11.21 -16.66
N ILE B 15 3.44 12.22 -15.78
CA ILE B 15 2.30 13.11 -15.84
C ILE B 15 2.29 13.94 -17.11
N ASN B 16 3.46 14.40 -17.54
CA ASN B 16 3.53 15.20 -18.77
C ASN B 16 3.11 14.35 -19.95
N GLN B 17 3.56 13.11 -19.95
CA GLN B 17 3.23 12.18 -21.03
C GLN B 17 1.73 11.94 -21.05
N LEU B 18 1.13 11.96 -19.87
CA LEU B 18 -0.31 11.74 -19.73
C LEU B 18 -1.08 12.95 -20.24
N LEU B 19 -0.69 14.13 -19.77
CA LEU B 19 -1.35 15.36 -20.18
C LEU B 19 -1.16 15.62 -21.67
N GLU B 20 -0.44 14.73 -22.35
CA GLU B 20 -0.20 14.85 -23.78
C GLU B 20 -1.36 14.27 -24.60
N ILE B 30 -3.93 4.56 -20.03
CA ILE B 30 -3.82 5.43 -18.86
C ILE B 30 -3.77 4.57 -17.61
N HIS B 31 -4.60 3.54 -17.57
CA HIS B 31 -4.65 2.64 -16.42
C HIS B 31 -3.30 1.94 -16.32
N ASP B 32 -2.53 2.01 -17.41
CA ASP B 32 -1.21 1.39 -17.46
C ASP B 32 -0.22 2.22 -16.66
N THR B 33 -0.39 3.54 -16.69
CA THR B 33 0.49 4.43 -15.95
C THR B 33 0.17 4.37 -14.47
N LEU B 34 -1.12 4.45 -14.15
CA LEU B 34 -1.55 4.40 -12.77
C LEU B 34 -1.11 3.14 -12.03
N SER B 35 -1.27 1.99 -12.67
CA SER B 35 -0.91 0.72 -12.04
C SER B 35 0.55 0.62 -11.60
N GLY B 36 1.41 1.49 -12.12
CA GLY B 36 2.81 1.44 -11.72
C GLY B 36 3.17 2.43 -10.62
N LEU B 37 2.22 3.29 -10.28
CA LEU B 37 2.41 4.33 -9.27
C LEU B 37 2.18 3.90 -7.82
N ARG B 38 3.00 4.41 -6.92
CA ARG B 38 2.82 4.12 -5.50
C ARG B 38 1.58 4.90 -5.10
N ARG B 39 0.79 4.38 -4.17
CA ARG B 39 -0.41 5.13 -3.77
C ARG B 39 -0.85 4.83 -2.35
N LEU B 40 -1.64 5.74 -1.79
CA LEU B 40 -2.23 5.58 -0.47
C LEU B 40 -3.67 5.21 -0.87
N ASP B 41 -4.10 4.02 -0.49
CA ASP B 41 -5.43 3.56 -0.84
C ASP B 41 -6.35 3.60 0.38
N ILE B 42 -7.40 4.41 0.35
CA ILE B 42 -8.32 4.47 1.47
C ILE B 42 -9.69 3.90 1.12
N ASP B 43 -9.67 2.88 0.27
CA ASP B 43 -10.87 2.17 -0.16
C ASP B 43 -12.04 3.09 -0.50
N LYS B 44 -13.17 2.91 0.19
CA LYS B 44 -14.34 3.74 -0.07
C LYS B 44 -14.59 4.77 1.04
N ARG B 45 -13.50 5.20 1.68
CA ARG B 45 -13.58 6.17 2.76
C ARG B 45 -13.23 7.58 2.32
N TRP B 46 -13.01 7.77 1.02
CA TRP B 46 -12.64 9.07 0.47
C TRP B 46 -13.66 10.19 0.69
N ASP B 47 -14.95 9.90 0.58
CA ASP B 47 -15.94 10.93 0.79
C ASP B 47 -16.07 11.24 2.29
N PHE B 48 -15.82 10.25 3.14
CA PHE B 48 -15.88 10.48 4.58
C PHE B 48 -14.80 11.53 4.86
N LEU B 49 -13.65 11.33 4.22
CA LEU B 49 -12.51 12.25 4.38
C LEU B 49 -12.87 13.64 3.86
N HIS B 50 -13.43 13.70 2.66
CA HIS B 50 -13.81 15.00 2.10
C HIS B 50 -14.81 15.68 3.01
N PHE B 51 -15.79 14.92 3.50
CA PHE B 51 -16.81 15.46 4.39
C PHE B 51 -16.23 15.93 5.71
N GLY B 52 -15.31 15.14 6.25
CA GLY B 52 -14.69 15.50 7.52
C GLY B 52 -13.87 16.77 7.48
N LEU B 53 -13.33 17.13 6.32
CA LEU B 53 -12.53 18.34 6.20
C LEU B 53 -13.28 19.56 5.67
N THR B 54 -14.37 19.33 4.96
CA THR B 54 -15.11 20.42 4.34
C THR B 54 -16.58 20.55 4.79
N GLY B 55 -17.18 19.45 5.22
CA GLY B 55 -18.57 19.49 5.61
C GLY B 55 -19.46 19.25 4.40
N THR B 56 -18.86 18.84 3.29
CA THR B 56 -19.58 18.56 2.07
C THR B 56 -19.11 17.27 1.40
N SER B 57 -19.88 16.80 0.43
CA SER B 57 -19.53 15.60 -0.32
C SER B 57 -18.66 16.05 -1.49
N ALA B 58 -17.81 15.15 -1.97
CA ALA B 58 -16.94 15.46 -3.09
C ALA B 58 -17.77 15.68 -4.34
N PHE B 59 -18.92 15.01 -4.41
CA PHE B 59 -19.81 15.15 -5.56
C PHE B 59 -20.42 16.55 -5.69
N ASP B 60 -20.42 17.31 -4.61
CA ASP B 60 -20.95 18.68 -4.62
C ASP B 60 -20.26 19.53 -3.55
N PRO B 61 -18.97 19.84 -3.76
CA PRO B 61 -18.15 20.63 -2.85
C PRO B 61 -18.46 22.13 -2.88
N ALA B 62 -18.07 22.84 -1.82
CA ALA B 62 -18.28 24.27 -1.77
C ALA B 62 -17.43 24.91 -2.85
N LYS B 63 -17.90 26.04 -3.40
CA LYS B 63 -17.18 26.74 -4.45
C LYS B 63 -15.84 27.29 -3.95
N ASN B 64 -14.78 27.02 -4.70
CA ASN B 64 -13.45 27.48 -4.33
C ASN B 64 -13.11 27.11 -2.90
N ASP B 65 -13.03 25.81 -2.61
CA ASP B 65 -12.71 25.36 -1.27
C ASP B 65 -11.34 24.69 -1.28
N PRO B 66 -10.31 25.39 -0.76
CA PRO B 66 -8.95 24.86 -0.72
C PRO B 66 -8.84 23.53 0.02
N LEU B 67 -9.70 23.30 1.01
CA LEU B 67 -9.66 22.04 1.75
C LEU B 67 -10.20 20.91 0.87
N SER B 68 -11.12 21.25 -0.02
CA SER B 68 -11.68 20.28 -0.94
C SER B 68 -10.57 19.90 -1.92
N ARG B 69 -9.82 20.90 -2.37
CA ARG B 69 -8.74 20.68 -3.31
C ARG B 69 -7.60 19.88 -2.66
N ALA B 70 -7.51 19.93 -1.34
CA ALA B 70 -6.47 19.18 -0.64
C ALA B 70 -6.74 17.68 -0.78
N VAL B 71 -8.00 17.32 -0.99
CA VAL B 71 -8.40 15.93 -1.14
C VAL B 71 -8.58 15.54 -2.61
N LEU B 72 -9.28 16.38 -3.37
CA LEU B 72 -9.55 16.09 -4.76
C LEU B 72 -8.44 16.50 -5.73
N GLY B 73 -7.53 17.34 -5.26
CA GLY B 73 -6.43 17.82 -6.11
C GLY B 73 -6.64 19.27 -6.54
N GLU B 74 -5.55 19.99 -6.75
CA GLU B 74 -5.63 21.39 -7.17
C GLU B 74 -6.21 21.55 -8.55
N HIS B 75 -5.88 20.63 -9.45
CA HIS B 75 -6.36 20.68 -10.82
C HIS B 75 -7.12 19.44 -11.26
N SER B 76 -8.41 19.60 -11.52
CA SER B 76 -9.22 18.48 -11.98
C SER B 76 -8.80 18.14 -13.40
N LEU B 77 -8.57 16.86 -13.68
CA LEU B 77 -8.19 16.43 -15.01
C LEU B 77 -9.39 15.77 -15.69
N PHE B 84 -13.44 10.83 -10.67
CA PHE B 84 -12.53 11.83 -10.13
C PHE B 84 -11.05 11.58 -10.47
N LEU B 85 -10.40 12.59 -11.04
CA LEU B 85 -8.98 12.54 -11.37
C LEU B 85 -8.47 13.96 -11.12
N GLY B 86 -7.58 14.09 -10.15
CA GLY B 86 -7.08 15.42 -9.82
C GLY B 86 -5.59 15.44 -9.63
N LEU B 87 -4.99 16.53 -10.09
CA LEU B 87 -3.55 16.68 -10.01
C LEU B 87 -3.11 17.85 -9.13
N THR B 88 -2.07 17.62 -8.34
CA THR B 88 -1.50 18.67 -7.52
C THR B 88 -0.01 18.62 -7.83
N TRP B 89 0.50 19.68 -8.44
CA TRP B 89 1.91 19.74 -8.79
C TRP B 89 2.78 19.78 -7.54
N ASN B 90 3.99 19.24 -7.67
CA ASN B 90 4.95 19.21 -6.59
C ASN B 90 5.03 20.55 -5.86
N GLN B 91 5.16 21.64 -6.62
CA GLN B 91 5.26 22.97 -6.04
C GLN B 91 4.04 23.38 -5.24
N GLU B 92 2.90 22.76 -5.53
CA GLU B 92 1.66 23.09 -4.83
C GLU B 92 1.46 22.29 -3.55
N LEU B 93 2.19 21.19 -3.41
CA LEU B 93 2.08 20.34 -2.24
C LEU B 93 2.43 21.02 -0.91
N ALA B 94 3.42 21.92 -0.92
CA ALA B 94 3.80 22.60 0.32
C ALA B 94 2.60 23.35 0.92
N ALA B 95 1.85 24.03 0.06
CA ALA B 95 0.66 24.77 0.50
C ALA B 95 -0.41 23.80 0.99
N THR B 96 -0.62 22.71 0.25
CA THR B 96 -1.62 21.73 0.62
C THR B 96 -1.28 21.14 1.98
N ILE B 97 -0.03 20.76 2.16
CA ILE B 97 0.43 20.20 3.42
C ILE B 97 0.20 21.17 4.57
N ASP B 98 0.55 22.44 4.35
CA ASP B 98 0.40 23.44 5.40
C ASP B 98 -1.07 23.65 5.77
N ARG B 99 -1.95 23.65 4.78
CA ARG B 99 -3.37 23.84 5.04
C ARG B 99 -3.89 22.72 5.93
N LEU B 100 -3.50 21.48 5.63
CA LEU B 100 -3.94 20.34 6.41
C LEU B 100 -3.33 20.31 7.80
N GLU B 101 -2.01 20.51 7.89
CA GLU B 101 -1.32 20.49 9.18
C GLU B 101 -1.84 21.60 10.09
N SER B 102 -2.25 22.72 9.49
CA SER B 102 -2.73 23.85 10.28
C SER B 102 -4.15 23.74 10.83
N LEU B 103 -4.94 22.80 10.32
CA LEU B 103 -6.31 22.64 10.80
C LEU B 103 -6.37 22.38 12.31
N ASP B 104 -7.38 22.93 12.97
CA ASP B 104 -7.58 22.75 14.41
C ASP B 104 -8.41 21.47 14.52
N ARG B 105 -7.83 20.43 15.08
CA ARG B 105 -8.53 19.15 15.20
C ARG B 105 -9.81 19.23 16.03
N ASN B 106 -9.84 20.08 17.05
CA ASN B 106 -11.03 20.23 17.88
C ASN B 106 -12.15 20.93 17.09
N GLU B 107 -11.76 21.85 16.21
CA GLU B 107 -12.73 22.58 15.40
C GLU B 107 -13.37 21.67 14.36
N LEU B 108 -12.56 20.77 13.80
CA LEU B 108 -13.07 19.83 12.80
C LEU B 108 -14.07 18.91 13.46
N ARG B 109 -13.76 18.48 14.69
CA ARG B 109 -14.63 17.59 15.44
C ARG B 109 -15.99 18.25 15.71
N LYS B 110 -15.94 19.47 16.24
CA LYS B 110 -17.16 20.22 16.55
C LYS B 110 -18.04 20.36 15.31
N GLN B 111 -17.40 20.56 14.16
CA GLN B 111 -18.09 20.72 12.89
C GLN B 111 -18.66 19.38 12.37
N PHE B 112 -18.04 18.28 12.78
CA PHE B 112 -18.46 16.95 12.33
C PHE B 112 -19.76 16.46 12.96
N SER B 113 -20.72 16.14 12.11
CA SER B 113 -22.02 15.67 12.57
C SER B 113 -22.53 14.46 11.78
N ILE B 114 -22.91 13.42 12.51
CA ILE B 114 -23.44 12.20 11.91
C ILE B 114 -24.75 12.47 11.19
N LYS B 115 -25.64 13.22 11.82
CA LYS B 115 -26.92 13.53 11.22
C LYS B 115 -26.70 14.30 9.91
N ARG B 116 -25.77 15.25 9.92
CA ARG B 116 -25.46 16.03 8.73
C ARG B 116 -24.89 15.12 7.65
N LEU B 117 -24.10 14.15 8.06
CA LEU B 117 -23.50 13.20 7.12
C LEU B 117 -24.60 12.39 6.47
N ASN B 118 -25.56 11.93 7.27
CA ASN B 118 -26.66 11.13 6.74
C ASN B 118 -27.54 11.93 5.79
N GLU B 119 -27.65 13.24 6.02
CA GLU B 119 -28.46 14.10 5.18
C GLU B 119 -27.72 14.41 3.90
N MET B 120 -26.45 14.80 4.05
CA MET B 120 -25.59 15.14 2.92
C MET B 120 -25.45 13.96 1.95
N GLU B 121 -25.86 12.78 2.41
CA GLU B 121 -25.77 11.57 1.58
C GLU B 121 -24.34 11.36 1.08
N ILE B 122 -23.40 11.36 2.01
CA ILE B 122 -21.99 11.17 1.72
C ILE B 122 -21.75 9.75 1.22
N TYR B 123 -20.94 9.60 0.18
CA TYR B 123 -20.62 8.28 -0.39
C TYR B 123 -19.99 7.43 0.72
N PRO B 124 -20.31 6.12 0.78
CA PRO B 124 -21.19 5.33 -0.08
C PRO B 124 -22.71 5.43 0.16
N GLY B 125 -23.13 6.43 0.93
CA GLY B 125 -24.56 6.60 1.15
C GLY B 125 -25.20 5.81 2.28
N VAL B 126 -24.43 5.01 2.99
CA VAL B 126 -24.97 4.23 4.10
C VAL B 126 -25.04 5.07 5.36
N THR B 127 -26.21 5.13 5.98
CA THR B 127 -26.40 5.92 7.20
C THR B 127 -25.64 5.31 8.37
N PHE B 128 -25.33 6.15 9.35
CA PHE B 128 -24.60 5.74 10.56
C PHE B 128 -25.37 6.14 11.81
N SER B 129 -25.08 5.47 12.92
CA SER B 129 -25.71 5.78 14.20
C SER B 129 -24.93 6.93 14.81
N GLU B 130 -25.62 7.84 15.49
CA GLU B 130 -24.95 8.97 16.12
C GLU B 130 -23.93 8.46 17.14
N GLU B 131 -24.16 7.24 17.61
CA GLU B 131 -23.30 6.59 18.59
C GLU B 131 -21.87 6.44 18.08
N LEU B 132 -21.72 6.33 16.75
CA LEU B 132 -20.41 6.13 16.14
C LEU B 132 -19.75 7.39 15.59
N GLU B 133 -20.25 8.55 16.01
CA GLU B 133 -19.70 9.82 15.53
C GLU B 133 -18.22 10.00 15.85
N GLY B 134 -17.85 9.74 17.11
CA GLY B 134 -16.46 9.89 17.53
C GLY B 134 -15.53 8.93 16.81
N GLN B 135 -15.96 7.69 16.66
CA GLN B 135 -15.15 6.69 15.98
C GLN B 135 -14.97 7.02 14.50
N LEU B 136 -16.04 7.49 13.86
CA LEU B 136 -15.96 7.82 12.45
C LEU B 136 -15.04 9.01 12.25
N PHE B 137 -15.18 10.02 13.09
CA PHE B 137 -14.32 11.19 12.99
C PHE B 137 -12.85 10.77 13.18
N ALA B 138 -12.58 9.98 14.22
CA ALA B 138 -11.22 9.52 14.49
C ALA B 138 -10.69 8.75 13.27
N SER B 139 -11.54 7.94 12.66
CA SER B 139 -11.14 7.17 11.49
C SER B 139 -10.72 8.11 10.36
N ILE B 140 -11.46 9.20 10.21
CA ILE B 140 -11.16 10.17 9.17
C ILE B 140 -9.83 10.89 9.45
N MET B 141 -9.59 11.23 10.72
CA MET B 141 -8.36 11.91 11.08
C MET B 141 -7.15 11.03 10.81
N LEU B 142 -7.31 9.72 10.98
CA LEU B 142 -6.23 8.78 10.70
C LEU B 142 -5.95 8.81 9.19
N ASP B 143 -7.00 8.79 8.37
CA ASP B 143 -6.80 8.86 6.94
C ASP B 143 -6.14 10.19 6.57
N MET B 144 -6.54 11.27 7.26
CA MET B 144 -5.95 12.57 6.98
C MET B 144 -4.45 12.54 7.28
N GLU B 145 -4.07 11.95 8.40
CA GLU B 145 -2.66 11.86 8.79
C GLU B 145 -1.87 11.06 7.76
N LYS B 146 -2.45 9.98 7.26
CA LYS B 146 -1.77 9.17 6.25
C LYS B 146 -1.59 9.97 4.95
N LEU B 147 -2.60 10.78 4.60
CA LEU B 147 -2.53 11.59 3.39
C LEU B 147 -1.44 12.64 3.52
N ILE B 148 -1.37 13.28 4.68
CA ILE B 148 -0.35 14.30 4.90
C ILE B 148 1.05 13.70 4.74
N SER B 149 1.27 12.53 5.34
CA SER B 149 2.56 11.87 5.25
C SER B 149 2.89 11.56 3.78
N ALA B 150 1.88 11.14 3.04
CA ALA B 150 2.06 10.81 1.62
C ALA B 150 2.53 12.06 0.88
N TYR B 151 1.80 13.16 1.07
CA TYR B 151 2.14 14.44 0.44
C TYR B 151 3.54 14.92 0.81
N ARG B 152 3.90 14.79 2.08
CA ARG B 152 5.23 15.22 2.52
C ARG B 152 6.33 14.40 1.84
N ARG B 153 6.06 13.12 1.62
CA ARG B 153 7.03 12.25 0.95
C ARG B 153 7.16 12.71 -0.51
N MET B 154 6.03 12.87 -1.20
CA MET B 154 6.02 13.30 -2.60
C MET B 154 6.78 14.62 -2.78
N LEU B 155 6.48 15.60 -1.92
CA LEU B 155 7.12 16.92 -1.99
C LEU B 155 8.65 16.87 -2.01
N ARG B 156 9.25 16.26 -0.99
CA ARG B 156 10.72 16.19 -0.92
C ARG B 156 11.34 15.34 -2.02
N GLN B 157 10.55 14.44 -2.62
CA GLN B 157 11.07 13.60 -3.69
C GLN B 157 10.93 14.27 -5.05
N GLY B 158 10.29 15.43 -5.07
CA GLY B 158 10.09 16.14 -6.32
C GLY B 158 8.98 15.58 -7.17
N ASN B 159 8.08 14.80 -6.56
CA ASN B 159 6.98 14.20 -7.31
C ASN B 159 5.64 14.94 -7.15
N HIS B 160 4.64 14.50 -7.92
CA HIS B 160 3.32 15.14 -7.93
C HIS B 160 2.24 14.20 -7.42
N ALA B 161 1.15 14.77 -6.94
CA ALA B 161 0.04 13.99 -6.41
C ALA B 161 -1.09 13.84 -7.41
N LEU B 162 -1.63 12.64 -7.51
CA LEU B 162 -2.74 12.36 -8.40
C LEU B 162 -3.86 11.65 -7.63
N THR B 163 -4.98 12.34 -7.43
CA THR B 163 -6.13 11.75 -6.74
C THR B 163 -6.92 10.97 -7.78
N VAL B 164 -7.13 9.68 -7.54
CA VAL B 164 -7.89 8.82 -8.45
C VAL B 164 -9.07 8.19 -7.72
N ILE B 165 -10.28 8.51 -8.15
CA ILE B 165 -11.47 7.92 -7.55
C ILE B 165 -12.22 7.25 -8.68
N VAL B 166 -12.30 5.93 -8.63
CA VAL B 166 -12.99 5.18 -9.69
C VAL B 166 -13.24 3.73 -9.27
#